data_5SW9
#
_entry.id   5SW9
#
_cell.length_a   53.598
_cell.length_b   108.959
_cell.length_c   120.065
_cell.angle_alpha   90.00
_cell.angle_beta   90.00
_cell.angle_gamma   90.00
#
_symmetry.space_group_name_H-M   'P 21 21 21'
#
loop_
_entity.id
_entity.type
_entity.pdbx_description
1 polymer 'Serine/threonine-protein phosphatase 2A 56 kDa regulatory subunit gamma isoform'
2 polymer RepoMan
3 water water
#
loop_
_entity_poly.entity_id
_entity_poly.type
_entity_poly.pdbx_seq_one_letter_code
_entity_poly.pdbx_strand_id
1 'polypeptide(L)'
;GHMGSRDVPPADQEKLFIQKLRQCCVLFDFVSDPLSDLKWKEVKRAALSEMVEYITHNRNVITEPIYPEVVHMFAVNMFR
TLPPSSNPTGAEFDPEEDEPTLEAAWPHLQLVYEFFLRFLESPDFQPNIAKKYIDQKFVLQLLELFDSEDPRERDFLKTT
LHRIYGKFLGLRAYIRKQINNIFYRFIYETEHHNGIAELLEILGSIINGFALPLKEEHKIFLLKVLLPLHKVKSLSVYHP
QLAYCVVQFLEKDSTLTEPVVMALLKYWPKTHSPKEVMFLNELEEILDVIEPSEFVKIMEPLFRQLAKCVSSPHFQVAER
ALYYWNNEYIMSLISDNAAKILPIMFPSLYRNSKT
;
A
2 'polypeptide(L)' RDIASKKPLL(SEP)PIPELPEVPE B
#
# COMPACT_ATOMS: atom_id res chain seq x y z
N ALA A 11 -33.65 17.96 13.18
CA ALA A 11 -34.55 18.10 12.04
C ALA A 11 -35.54 16.94 11.98
N ASP A 12 -36.02 16.66 10.77
CA ASP A 12 -36.95 15.55 10.56
C ASP A 12 -36.32 14.50 9.65
N GLN A 13 -35.58 14.97 8.65
CA GLN A 13 -34.84 14.08 7.76
C GLN A 13 -33.65 13.50 8.51
N GLU A 14 -33.06 14.33 9.37
CA GLU A 14 -31.96 13.91 10.23
C GLU A 14 -32.41 12.79 11.17
N LYS A 15 -33.63 12.91 11.67
CA LYS A 15 -34.21 11.89 12.55
C LYS A 15 -34.27 10.53 11.86
N LEU A 16 -34.81 10.51 10.64
CA LEU A 16 -34.96 9.28 9.88
C LEU A 16 -33.60 8.70 9.48
N PHE A 17 -32.66 9.58 9.14
CA PHE A 17 -31.31 9.17 8.76
C PHE A 17 -30.65 8.42 9.93
N ILE A 18 -30.72 9.02 11.11
CA ILE A 18 -30.14 8.42 12.31
C ILE A 18 -30.85 7.11 12.66
N GLN A 19 -32.15 7.08 12.45
CA GLN A 19 -32.94 5.87 12.71
C GLN A 19 -32.48 4.71 11.82
N LYS A 20 -32.26 5.00 10.54
CA LYS A 20 -31.82 3.97 9.60
C LYS A 20 -30.40 3.52 9.87
N LEU A 21 -29.54 4.45 10.30
CA LEU A 21 -28.17 4.13 10.65
C LEU A 21 -28.13 3.18 11.85
N ARG A 22 -28.99 3.45 12.83
CA ARG A 22 -29.07 2.62 14.03
C ARG A 22 -29.76 1.29 13.72
N GLN A 23 -30.63 1.30 12.71
CA GLN A 23 -31.33 0.10 12.29
C GLN A 23 -30.35 -0.89 11.65
N CYS A 24 -29.29 -0.36 11.06
CA CYS A 24 -28.27 -1.19 10.44
C CYS A 24 -27.22 -1.64 11.45
N CYS A 25 -27.48 -1.36 12.72
CA CYS A 25 -26.59 -1.78 13.80
C CYS A 25 -27.11 -3.05 14.48
N VAL A 26 -28.23 -3.55 13.98
CA VAL A 26 -28.84 -4.77 14.52
C VAL A 26 -28.45 -5.98 13.70
N LEU A 27 -27.55 -6.80 14.25
CA LEU A 27 -27.11 -8.01 13.57
C LEU A 27 -27.99 -9.20 13.95
N PHE A 28 -29.04 -9.41 13.18
CA PHE A 28 -30.01 -10.46 13.46
C PHE A 28 -29.75 -11.71 12.63
N ASP A 29 -30.30 -12.84 13.08
CA ASP A 29 -30.16 -14.10 12.37
C ASP A 29 -31.29 -15.06 12.73
N PHE A 30 -32.26 -15.20 11.83
CA PHE A 30 -33.36 -16.14 12.03
C PHE A 30 -32.88 -17.56 11.80
N VAL A 31 -32.74 -18.32 12.89
CA VAL A 31 -32.17 -19.66 12.85
C VAL A 31 -33.02 -20.63 12.03
N SER A 32 -34.34 -20.59 12.20
CA SER A 32 -35.22 -21.52 11.53
C SER A 32 -36.42 -20.83 10.89
N ASP A 33 -36.15 -19.81 10.08
CA ASP A 33 -37.20 -19.13 9.33
C ASP A 33 -36.58 -18.40 8.13
N PRO A 34 -36.32 -19.15 7.04
CA PRO A 34 -35.64 -18.65 5.84
C PRO A 34 -36.36 -17.45 5.20
N LEU A 35 -37.68 -17.42 5.29
CA LEU A 35 -38.46 -16.32 4.72
C LEU A 35 -38.24 -15.01 5.47
N SER A 36 -38.25 -15.09 6.80
CA SER A 36 -38.03 -13.91 7.63
C SER A 36 -36.57 -13.46 7.56
N ASP A 37 -35.67 -14.41 7.36
CA ASP A 37 -34.25 -14.11 7.27
C ASP A 37 -33.94 -13.33 6.00
N LEU A 38 -34.51 -13.78 4.88
CA LEU A 38 -34.32 -13.11 3.60
C LEU A 38 -34.98 -11.73 3.61
N LYS A 39 -36.13 -11.64 4.26
CA LYS A 39 -36.84 -10.38 4.36
C LYS A 39 -36.02 -9.37 5.16
N TRP A 40 -35.43 -9.83 6.26
CA TRP A 40 -34.63 -8.97 7.12
C TRP A 40 -33.36 -8.50 6.41
N LYS A 41 -32.65 -9.42 5.76
CA LYS A 41 -31.43 -9.09 5.05
C LYS A 41 -31.67 -8.12 3.90
N GLU A 42 -32.85 -8.21 3.29
CA GLU A 42 -33.21 -7.31 2.19
C GLU A 42 -33.47 -5.90 2.71
N VAL A 43 -34.13 -5.81 3.87
CA VAL A 43 -34.41 -4.52 4.48
C VAL A 43 -33.13 -3.76 4.76
N LYS A 44 -32.15 -4.44 5.33
CA LYS A 44 -30.86 -3.82 5.62
C LYS A 44 -30.12 -3.44 4.34
N ARG A 45 -30.18 -4.33 3.34
CA ARG A 45 -29.55 -4.07 2.06
C ARG A 45 -30.17 -2.85 1.38
N ALA A 46 -31.48 -2.74 1.49
CA ALA A 46 -32.20 -1.61 0.92
C ALA A 46 -31.89 -0.32 1.69
N ALA A 47 -31.85 -0.42 3.01
CA ALA A 47 -31.58 0.72 3.86
C ALA A 47 -30.19 1.28 3.59
N LEU A 48 -29.20 0.38 3.47
CA LEU A 48 -27.84 0.78 3.15
C LEU A 48 -27.79 1.45 1.78
N SER A 49 -28.45 0.85 0.80
CA SER A 49 -28.48 1.38 -0.56
C SER A 49 -29.13 2.75 -0.62
N GLU A 50 -30.17 2.95 0.17
CA GLU A 50 -30.84 4.24 0.25
C GLU A 50 -29.89 5.32 0.78
N MET A 51 -29.23 5.02 1.88
CA MET A 51 -28.34 5.99 2.52
C MET A 51 -27.09 6.26 1.70
N VAL A 52 -26.65 5.27 0.93
CA VAL A 52 -25.53 5.47 0.00
C VAL A 52 -25.91 6.51 -1.05
N GLU A 53 -27.04 6.30 -1.70
CA GLU A 53 -27.54 7.22 -2.71
C GLU A 53 -27.85 8.58 -2.10
N TYR A 54 -28.35 8.56 -0.87
CA TYR A 54 -28.75 9.78 -0.18
C TYR A 54 -27.56 10.68 0.15
N ILE A 55 -26.54 10.10 0.79
CA ILE A 55 -25.37 10.86 1.21
C ILE A 55 -24.50 11.26 0.01
N THR A 56 -24.68 10.57 -1.12
CA THR A 56 -23.86 10.81 -2.30
C THR A 56 -24.35 12.02 -3.11
N HIS A 57 -25.66 12.06 -3.38
CA HIS A 57 -26.20 13.04 -4.32
C HIS A 57 -26.89 14.22 -3.66
N ASN A 58 -27.23 14.10 -2.37
CA ASN A 58 -27.87 15.21 -1.67
C ASN A 58 -26.88 16.09 -0.92
N ARG A 59 -27.05 17.41 -1.06
CA ARG A 59 -26.15 18.38 -0.44
C ARG A 59 -26.57 18.72 0.99
N ASN A 60 -25.58 19.00 1.83
CA ASN A 60 -25.80 19.40 3.22
C ASN A 60 -26.70 18.46 4.01
N VAL A 61 -26.38 17.17 3.97
CA VAL A 61 -27.14 16.17 4.72
C VAL A 61 -26.31 15.62 5.87
N ILE A 62 -25.00 15.82 5.80
CA ILE A 62 -24.11 15.39 6.86
C ILE A 62 -24.01 16.46 7.94
N THR A 63 -24.84 16.33 8.97
CA THR A 63 -24.80 17.25 10.10
C THR A 63 -23.94 16.67 11.21
N GLU A 64 -23.70 17.46 12.25
CA GLU A 64 -22.87 17.04 13.37
C GLU A 64 -23.37 15.79 14.11
N PRO A 65 -24.70 15.68 14.36
CA PRO A 65 -25.15 14.45 15.03
C PRO A 65 -25.01 13.18 14.19
N ILE A 66 -24.74 13.33 12.89
CA ILE A 66 -24.63 12.18 12.00
C ILE A 66 -23.30 11.44 12.20
N TYR A 67 -22.24 12.19 12.48
CA TYR A 67 -20.90 11.63 12.62
C TYR A 67 -20.78 10.47 13.63
N PRO A 68 -21.30 10.64 14.86
CA PRO A 68 -21.14 9.50 15.77
C PRO A 68 -21.98 8.29 15.38
N GLU A 69 -23.03 8.51 14.60
CA GLU A 69 -23.92 7.44 14.17
C GLU A 69 -23.28 6.61 13.05
N VAL A 70 -22.68 7.29 12.08
CA VAL A 70 -22.04 6.62 10.95
C VAL A 70 -20.84 5.79 11.41
N VAL A 71 -19.98 6.40 12.22
CA VAL A 71 -18.80 5.71 12.73
C VAL A 71 -19.18 4.49 13.55
N HIS A 72 -20.22 4.61 14.36
CA HIS A 72 -20.70 3.51 15.18
C HIS A 72 -21.25 2.38 14.32
N MET A 73 -22.05 2.73 13.32
CA MET A 73 -22.65 1.75 12.43
C MET A 73 -21.57 0.97 11.67
N PHE A 74 -20.53 1.68 11.25
CA PHE A 74 -19.39 1.05 10.59
C PHE A 74 -18.67 0.10 11.53
N ALA A 75 -18.42 0.56 12.75
CA ALA A 75 -17.68 -0.21 13.74
C ALA A 75 -18.40 -1.49 14.13
N VAL A 76 -19.70 -1.39 14.37
CA VAL A 76 -20.51 -2.54 14.76
C VAL A 76 -20.55 -3.58 13.64
N ASN A 77 -20.62 -3.12 12.39
CA ASN A 77 -20.73 -4.02 11.24
C ASN A 77 -19.40 -4.61 10.80
N MET A 78 -18.35 -3.79 10.77
CA MET A 78 -17.08 -4.22 10.19
C MET A 78 -16.11 -4.82 11.19
N PHE A 79 -15.89 -4.13 12.31
CA PHE A 79 -14.93 -4.59 13.31
C PHE A 79 -15.37 -5.93 13.92
N ARG A 80 -15.02 -7.01 13.23
CA ARG A 80 -15.39 -8.35 13.66
C ARG A 80 -14.16 -9.23 13.80
N THR A 81 -14.38 -10.55 13.83
CA THR A 81 -13.27 -11.50 13.88
C THR A 81 -13.20 -12.29 12.58
N LEU A 82 -12.01 -12.32 11.97
CA LEU A 82 -11.84 -12.95 10.66
C LEU A 82 -11.70 -14.47 10.77
N PRO A 83 -12.45 -15.20 9.93
CA PRO A 83 -12.35 -16.66 9.84
C PRO A 83 -11.12 -17.11 9.06
N PRO A 84 -10.43 -18.16 9.54
CA PRO A 84 -9.23 -18.67 8.89
C PRO A 84 -9.53 -19.78 7.88
N GLU A 103 -16.06 -12.82 2.84
CA GLU A 103 -16.99 -13.62 3.63
C GLU A 103 -18.19 -14.07 2.79
N ALA A 104 -19.28 -14.39 3.47
CA ALA A 104 -20.50 -14.80 2.79
C ALA A 104 -21.54 -13.68 2.83
N ALA A 105 -21.44 -12.82 3.84
CA ALA A 105 -22.33 -11.68 3.97
C ALA A 105 -21.70 -10.44 3.33
N TRP A 106 -20.92 -10.66 2.28
CA TRP A 106 -20.23 -9.59 1.57
C TRP A 106 -21.13 -8.52 0.93
N PRO A 107 -22.31 -8.91 0.38
CA PRO A 107 -23.19 -7.87 -0.15
C PRO A 107 -23.51 -6.74 0.84
N HIS A 108 -23.69 -7.10 2.11
CA HIS A 108 -23.94 -6.09 3.14
C HIS A 108 -22.66 -5.34 3.49
N LEU A 109 -21.55 -6.08 3.59
CA LEU A 109 -20.26 -5.50 3.97
C LEU A 109 -19.77 -4.50 2.93
N GLN A 110 -19.97 -4.81 1.66
CA GLN A 110 -19.55 -3.93 0.58
C GLN A 110 -20.33 -2.61 0.61
N LEU A 111 -21.62 -2.71 0.93
CA LEU A 111 -22.47 -1.53 1.07
C LEU A 111 -21.98 -0.62 2.20
N VAL A 112 -21.64 -1.23 3.33
CA VAL A 112 -21.13 -0.49 4.47
C VAL A 112 -19.81 0.22 4.11
N TYR A 113 -18.95 -0.49 3.40
CA TYR A 113 -17.68 0.08 2.93
C TYR A 113 -17.93 1.26 1.99
N GLU A 114 -18.84 1.07 1.04
CA GLU A 114 -19.15 2.10 0.06
C GLU A 114 -19.79 3.33 0.72
N PHE A 115 -20.68 3.10 1.68
CA PHE A 115 -21.34 4.18 2.38
C PHE A 115 -20.35 5.02 3.19
N PHE A 116 -19.49 4.35 3.95
CA PHE A 116 -18.51 5.02 4.77
C PHE A 116 -17.48 5.74 3.92
N LEU A 117 -17.29 5.26 2.70
CA LEU A 117 -16.36 5.88 1.77
C LEU A 117 -16.95 7.16 1.19
N ARG A 118 -18.25 7.12 0.88
CA ARG A 118 -18.96 8.32 0.42
C ARG A 118 -18.99 9.35 1.55
N PHE A 119 -19.01 8.87 2.78
CA PHE A 119 -19.05 9.72 3.96
C PHE A 119 -17.76 10.54 4.09
N LEU A 120 -16.62 9.88 3.92
CA LEU A 120 -15.33 10.55 4.03
C LEU A 120 -15.06 11.45 2.83
N GLU A 121 -15.48 11.02 1.65
CA GLU A 121 -15.18 11.74 0.41
C GLU A 121 -16.12 12.91 0.15
N SER A 122 -17.15 13.04 0.98
CA SER A 122 -18.14 14.09 0.80
C SER A 122 -17.54 15.48 1.03
N PRO A 123 -17.94 16.46 0.21
CA PRO A 123 -17.50 17.84 0.37
C PRO A 123 -17.98 18.47 1.68
N ASP A 124 -19.05 17.92 2.24
CA ASP A 124 -19.61 18.43 3.49
C ASP A 124 -18.97 17.78 4.71
N PHE A 125 -18.09 16.80 4.46
CA PHE A 125 -17.40 16.11 5.54
C PHE A 125 -16.37 17.01 6.22
N GLN A 126 -16.50 17.15 7.54
CA GLN A 126 -15.61 18.01 8.30
C GLN A 126 -14.79 17.20 9.31
N PRO A 127 -13.49 17.06 9.05
CA PRO A 127 -12.57 16.29 9.89
C PRO A 127 -12.48 16.84 11.32
N ASN A 128 -12.74 18.14 11.49
CA ASN A 128 -12.70 18.76 12.80
C ASN A 128 -13.71 18.13 13.76
N ILE A 129 -14.86 17.73 13.22
CA ILE A 129 -15.90 17.09 14.01
C ILE A 129 -15.68 15.58 14.08
N ALA A 130 -15.23 15.01 12.98
CA ALA A 130 -15.10 13.56 12.84
C ALA A 130 -13.92 12.99 13.62
N LYS A 131 -12.94 13.83 13.94
CA LYS A 131 -11.72 13.35 14.61
C LYS A 131 -12.00 12.98 16.07
N LYS A 132 -13.20 13.30 16.54
CA LYS A 132 -13.61 12.93 17.89
C LYS A 132 -14.00 11.45 17.96
N TYR A 133 -14.49 10.93 16.84
CA TYR A 133 -14.99 9.56 16.79
C TYR A 133 -14.06 8.64 16.01
N ILE A 134 -13.42 9.18 14.98
CA ILE A 134 -12.41 8.44 14.23
C ILE A 134 -11.06 8.61 14.90
N ASP A 135 -10.81 7.80 15.93
CA ASP A 135 -9.60 7.94 16.75
C ASP A 135 -8.64 6.78 16.51
N GLN A 136 -7.63 6.67 17.39
CA GLN A 136 -6.58 5.67 17.23
C GLN A 136 -7.10 4.23 17.34
N LYS A 137 -8.06 4.01 18.24
CA LYS A 137 -8.63 2.68 18.40
C LYS A 137 -9.40 2.27 17.15
N PHE A 138 -10.03 3.25 16.51
CA PHE A 138 -10.74 3.00 15.26
C PHE A 138 -9.76 2.63 14.16
N VAL A 139 -8.67 3.39 14.06
CA VAL A 139 -7.63 3.14 13.08
C VAL A 139 -6.97 1.78 13.31
N LEU A 140 -6.79 1.43 14.58
CA LEU A 140 -6.17 0.16 14.95
C LEU A 140 -7.02 -1.02 14.51
N GLN A 141 -8.33 -0.94 14.75
CA GLN A 141 -9.25 -2.01 14.37
C GLN A 141 -9.39 -2.08 12.85
N LEU A 142 -9.26 -0.94 12.20
CA LEU A 142 -9.34 -0.87 10.74
C LEU A 142 -8.13 -1.57 10.12
N LEU A 143 -6.97 -1.43 10.77
CA LEU A 143 -5.73 -2.05 10.29
C LEU A 143 -5.75 -3.56 10.48
N GLU A 144 -6.43 -4.02 11.52
CA GLU A 144 -6.52 -5.46 11.81
C GLU A 144 -7.37 -6.18 10.77
N LEU A 145 -8.18 -5.41 10.03
CA LEU A 145 -9.02 -5.98 8.99
C LEU A 145 -8.23 -6.19 7.70
N PHE A 146 -7.05 -5.60 7.62
CA PHE A 146 -6.20 -5.76 6.44
C PHE A 146 -5.68 -7.19 6.30
N ASP A 147 -5.85 -7.98 7.35
CA ASP A 147 -5.42 -9.37 7.33
C ASP A 147 -6.51 -10.27 6.74
N SER A 148 -7.54 -9.66 6.18
CA SER A 148 -8.62 -10.40 5.55
C SER A 148 -8.12 -11.16 4.33
N GLU A 149 -8.70 -12.34 4.11
CA GLU A 149 -8.32 -13.17 2.96
C GLU A 149 -9.10 -12.77 1.71
N ASP A 150 -10.04 -11.84 1.88
CA ASP A 150 -10.84 -11.36 0.76
C ASP A 150 -10.16 -10.16 0.10
N PRO A 151 -9.74 -10.32 -1.16
CA PRO A 151 -9.07 -9.26 -1.93
C PRO A 151 -9.96 -8.03 -2.10
N ARG A 152 -11.26 -8.25 -2.23
CA ARG A 152 -12.21 -7.16 -2.37
C ARG A 152 -12.28 -6.29 -1.12
N GLU A 153 -12.21 -6.94 0.04
CA GLU A 153 -12.27 -6.23 1.31
C GLU A 153 -11.01 -5.41 1.55
N ARG A 154 -9.85 -6.00 1.28
CA ARG A 154 -8.58 -5.30 1.44
C ARG A 154 -8.50 -4.10 0.52
N ASP A 155 -9.18 -4.17 -0.62
CA ASP A 155 -9.20 -3.07 -1.58
C ASP A 155 -10.01 -1.89 -1.04
N PHE A 156 -11.12 -2.20 -0.37
CA PHE A 156 -11.93 -1.17 0.25
C PHE A 156 -11.21 -0.54 1.44
N LEU A 157 -10.46 -1.37 2.17
CA LEU A 157 -9.70 -0.91 3.32
C LEU A 157 -8.53 -0.04 2.89
N LYS A 158 -7.93 -0.38 1.76
CA LYS A 158 -6.83 0.39 1.20
C LYS A 158 -7.27 1.81 0.86
N THR A 159 -8.44 1.90 0.23
CA THR A 159 -9.00 3.19 -0.15
C THR A 159 -9.41 4.01 1.08
N THR A 160 -10.02 3.34 2.04
CA THR A 160 -10.51 3.99 3.26
C THR A 160 -9.39 4.59 4.10
N LEU A 161 -8.38 3.78 4.38
CA LEU A 161 -7.25 4.22 5.20
C LEU A 161 -6.47 5.34 4.52
N HIS A 162 -6.38 5.26 3.19
CA HIS A 162 -5.73 6.30 2.40
C HIS A 162 -6.45 7.63 2.55
N ARG A 163 -7.77 7.56 2.65
CA ARG A 163 -8.60 8.75 2.80
C ARG A 163 -8.49 9.31 4.21
N ILE A 164 -8.52 8.42 5.20
CA ILE A 164 -8.39 8.81 6.60
C ILE A 164 -7.04 9.48 6.86
N TYR A 165 -5.98 8.93 6.26
CA TYR A 165 -4.64 9.47 6.44
C TYR A 165 -4.55 10.91 5.94
N GLY A 166 -5.11 11.16 4.76
CA GLY A 166 -5.04 12.47 4.15
C GLY A 166 -5.98 13.50 4.79
N LYS A 167 -7.04 13.03 5.42
CA LYS A 167 -8.04 13.92 6.01
C LYS A 167 -7.80 14.16 7.50
N PHE A 168 -7.00 13.30 8.12
CA PHE A 168 -6.73 13.42 9.54
C PHE A 168 -5.24 13.55 9.82
N LEU A 169 -4.78 14.79 9.92
CA LEU A 169 -3.36 15.09 10.13
C LEU A 169 -2.88 14.56 11.48
N GLY A 170 -3.77 14.57 12.47
CA GLY A 170 -3.42 14.14 13.81
C GLY A 170 -3.34 12.64 13.98
N LEU A 171 -3.62 11.91 12.90
CA LEU A 171 -3.58 10.45 12.93
C LEU A 171 -2.42 9.89 12.10
N ARG A 172 -1.82 10.75 11.27
CA ARG A 172 -0.80 10.32 10.33
C ARG A 172 0.42 9.68 11.01
N ALA A 173 0.82 10.23 12.14
CA ALA A 173 1.97 9.70 12.87
C ALA A 173 1.66 8.32 13.45
N TYR A 174 0.46 8.17 13.98
CA TYR A 174 0.04 6.90 14.57
C TYR A 174 -0.12 5.82 13.51
N ILE A 175 -0.61 6.21 12.34
CA ILE A 175 -0.81 5.26 11.24
C ILE A 175 0.52 4.69 10.76
N ARG A 176 1.49 5.58 10.55
CA ARG A 176 2.81 5.16 10.07
C ARG A 176 3.48 4.20 11.05
N LYS A 177 3.38 4.48 12.34
CA LYS A 177 4.00 3.64 13.35
C LYS A 177 3.37 2.26 13.40
N GLN A 178 2.04 2.21 13.28
CA GLN A 178 1.32 0.94 13.34
C GLN A 178 1.59 0.10 12.10
N ILE A 179 1.66 0.75 10.93
CA ILE A 179 2.04 0.06 9.70
C ILE A 179 3.46 -0.48 9.84
N ASN A 180 4.33 0.33 10.42
CA ASN A 180 5.71 -0.07 10.69
C ASN A 180 5.76 -1.29 11.60
N ASN A 181 4.89 -1.31 12.62
CA ASN A 181 4.84 -2.43 13.56
C ASN A 181 4.38 -3.72 12.90
N ILE A 182 3.48 -3.59 11.92
CA ILE A 182 2.97 -4.75 11.20
C ILE A 182 4.06 -5.36 10.31
N PHE A 183 4.87 -4.49 9.70
CA PHE A 183 5.95 -4.95 8.83
C PHE A 183 7.06 -5.65 9.63
N TYR A 184 7.47 -5.03 10.74
CA TYR A 184 8.47 -5.61 11.63
C TYR A 184 8.02 -6.98 12.11
N ARG A 185 6.73 -7.11 12.36
CA ARG A 185 6.14 -8.36 12.82
C ARG A 185 5.96 -9.34 11.66
N PHE A 186 6.06 -8.82 10.44
CA PHE A 186 5.94 -9.65 9.24
C PHE A 186 7.32 -10.15 8.80
N ILE A 187 8.36 -9.38 9.11
CA ILE A 187 9.71 -9.71 8.68
C ILE A 187 10.48 -10.49 9.74
N TYR A 188 10.78 -9.85 10.85
CA TYR A 188 11.66 -10.42 11.87
C TYR A 188 10.93 -11.39 12.80
N GLU A 189 9.63 -11.19 12.98
CA GLU A 189 8.83 -12.10 13.80
C GLU A 189 8.51 -13.36 13.02
N THR A 190 7.22 -13.64 12.83
CA THR A 190 6.79 -14.79 12.05
C THR A 190 5.36 -14.62 11.56
N GLU A 191 4.72 -13.53 11.99
CA GLU A 191 3.31 -13.29 11.66
C GLU A 191 3.09 -13.07 10.18
N HIS A 192 2.37 -14.00 9.56
CA HIS A 192 2.00 -13.87 8.15
C HIS A 192 0.89 -12.84 7.98
N HIS A 193 0.96 -12.05 6.92
CA HIS A 193 -0.04 -11.03 6.67
C HIS A 193 -0.52 -11.06 5.21
N ASN A 194 -1.80 -10.81 5.00
CA ASN A 194 -2.40 -10.89 3.67
C ASN A 194 -2.56 -9.54 3.00
N GLY A 195 -2.27 -8.46 3.74
CA GLY A 195 -2.47 -7.12 3.24
C GLY A 195 -1.20 -6.30 3.10
N ILE A 196 -0.06 -6.97 3.00
CA ILE A 196 1.22 -6.28 2.87
C ILE A 196 1.26 -5.45 1.59
N ALA A 197 0.71 -6.01 0.51
CA ALA A 197 0.67 -5.32 -0.77
C ALA A 197 -0.19 -4.06 -0.70
N GLU A 198 -1.39 -4.19 -0.14
CA GLU A 198 -2.32 -3.07 -0.04
C GLU A 198 -1.76 -1.96 0.85
N LEU A 199 -1.06 -2.34 1.91
CA LEU A 199 -0.45 -1.36 2.82
C LEU A 199 0.70 -0.62 2.14
N LEU A 200 1.48 -1.33 1.34
CA LEU A 200 2.59 -0.73 0.61
C LEU A 200 2.10 0.26 -0.43
N GLU A 201 0.94 -0.02 -1.01
CA GLU A 201 0.35 0.85 -2.01
C GLU A 201 -0.08 2.17 -1.38
N ILE A 202 -0.51 2.12 -0.12
CA ILE A 202 -0.87 3.33 0.61
C ILE A 202 0.37 4.17 0.89
N LEU A 203 1.44 3.50 1.32
CA LEU A 203 2.70 4.17 1.62
C LEU A 203 3.28 4.87 0.40
N GLY A 204 3.10 4.26 -0.77
CA GLY A 204 3.56 4.84 -2.02
C GLY A 204 2.95 6.20 -2.26
N SER A 205 1.70 6.37 -1.85
CA SER A 205 1.02 7.65 -1.97
C SER A 205 1.59 8.66 -0.98
N ILE A 206 2.03 8.16 0.17
CA ILE A 206 2.58 9.00 1.23
C ILE A 206 4.00 9.43 0.90
N ILE A 207 4.81 8.51 0.40
CA ILE A 207 6.20 8.78 0.04
C ILE A 207 6.28 9.84 -1.06
N ASN A 208 5.39 9.75 -2.04
CA ASN A 208 5.37 10.65 -3.18
C ASN A 208 5.09 12.10 -2.78
N GLY A 209 4.50 12.29 -1.59
CA GLY A 209 4.16 13.62 -1.12
C GLY A 209 5.00 14.09 0.06
N PHE A 210 6.23 13.57 0.17
CA PHE A 210 7.10 13.93 1.28
C PHE A 210 7.59 15.37 1.17
N ALA A 211 8.01 15.95 2.29
CA ALA A 211 8.50 17.33 2.33
C ALA A 211 9.84 17.46 1.62
N LEU A 212 10.27 18.69 1.39
CA LEU A 212 11.47 18.95 0.59
C LEU A 212 12.74 18.27 1.15
N PRO A 213 13.06 18.43 2.45
CA PRO A 213 14.18 17.61 2.91
C PRO A 213 13.70 16.43 3.74
N LEU A 214 14.00 15.19 3.33
CA LEU A 214 13.37 14.03 3.96
C LEU A 214 13.72 13.95 5.45
N LYS A 215 12.75 13.58 6.27
CA LYS A 215 12.98 13.45 7.71
C LYS A 215 13.77 12.19 7.98
N GLU A 216 14.33 12.09 9.18
CA GLU A 216 15.18 10.95 9.51
C GLU A 216 14.37 9.67 9.65
N GLU A 217 13.17 9.78 10.22
CA GLU A 217 12.32 8.62 10.43
C GLU A 217 11.91 7.98 9.11
N HIS A 218 11.88 8.77 8.05
CA HIS A 218 11.54 8.27 6.73
C HIS A 218 12.70 7.47 6.15
N LYS A 219 13.91 8.01 6.29
CA LYS A 219 15.11 7.34 5.81
C LYS A 219 15.36 6.04 6.57
N ILE A 220 15.07 6.06 7.87
CA ILE A 220 15.19 4.86 8.70
C ILE A 220 14.20 3.79 8.23
N PHE A 221 12.97 4.23 7.95
CA PHE A 221 11.93 3.33 7.47
C PHE A 221 12.32 2.66 6.16
N LEU A 222 13.02 3.39 5.30
CA LEU A 222 13.48 2.84 4.03
C LEU A 222 14.55 1.78 4.24
N LEU A 223 15.51 2.09 5.11
CA LEU A 223 16.67 1.23 5.31
C LEU A 223 16.40 0.07 6.27
N LYS A 224 15.58 0.30 7.28
CA LYS A 224 15.37 -0.70 8.32
C LYS A 224 14.12 -1.55 8.10
N VAL A 225 13.24 -1.11 7.22
CA VAL A 225 11.98 -1.82 7.00
C VAL A 225 11.73 -2.23 5.55
N LEU A 226 11.76 -1.26 4.64
CA LEU A 226 11.43 -1.51 3.24
C LEU A 226 12.41 -2.45 2.55
N LEU A 227 13.70 -2.28 2.84
CA LEU A 227 14.73 -3.12 2.23
C LEU A 227 14.71 -4.57 2.76
N PRO A 228 14.60 -4.77 4.10
CA PRO A 228 14.53 -6.17 4.56
C PRO A 228 13.28 -6.91 4.10
N LEU A 229 12.32 -6.21 3.52
CA LEU A 229 11.12 -6.85 2.99
C LEU A 229 11.44 -7.77 1.81
N HIS A 230 12.60 -7.54 1.19
CA HIS A 230 13.02 -8.35 0.05
C HIS A 230 13.48 -9.74 0.48
N LYS A 231 13.71 -9.91 1.78
CA LYS A 231 14.19 -11.18 2.32
C LYS A 231 13.09 -12.24 2.36
N VAL A 232 11.87 -11.81 2.68
CA VAL A 232 10.74 -12.73 2.87
C VAL A 232 10.46 -13.54 1.61
N LYS A 233 10.23 -14.84 1.80
CA LYS A 233 10.03 -15.76 0.69
C LYS A 233 8.74 -15.48 -0.10
N SER A 234 7.80 -14.81 0.55
CA SER A 234 6.53 -14.46 -0.09
C SER A 234 6.61 -13.10 -0.77
N LEU A 235 7.81 -12.73 -1.19
CA LEU A 235 8.06 -11.45 -1.84
C LEU A 235 7.23 -11.29 -3.12
N SER A 236 6.99 -12.40 -3.80
CA SER A 236 6.25 -12.40 -5.07
C SER A 236 4.87 -11.75 -4.99
N VAL A 237 4.27 -11.80 -3.81
CA VAL A 237 2.91 -11.31 -3.62
C VAL A 237 2.83 -9.77 -3.62
N TYR A 238 3.86 -9.13 -3.07
CA TYR A 238 3.82 -7.68 -2.88
C TYR A 238 5.02 -6.96 -3.51
N HIS A 239 5.79 -7.65 -4.33
CA HIS A 239 6.99 -7.08 -4.91
C HIS A 239 6.77 -5.84 -5.80
N PRO A 240 5.73 -5.84 -6.66
CA PRO A 240 5.53 -4.63 -7.47
C PRO A 240 5.31 -3.37 -6.64
N GLN A 241 4.58 -3.50 -5.53
CA GLN A 241 4.31 -2.37 -4.66
C GLN A 241 5.56 -1.96 -3.88
N LEU A 242 6.34 -2.95 -3.47
CA LEU A 242 7.57 -2.72 -2.73
C LEU A 242 8.59 -1.97 -3.59
N ALA A 243 8.66 -2.34 -4.87
CA ALA A 243 9.57 -1.70 -5.80
C ALA A 243 9.21 -0.23 -6.02
N TYR A 244 7.91 0.05 -6.07
CA TYR A 244 7.43 1.41 -6.29
C TYR A 244 7.81 2.32 -5.13
N CYS A 245 7.73 1.79 -3.91
CA CYS A 245 8.09 2.57 -2.72
C CYS A 245 9.58 2.89 -2.71
N VAL A 246 10.39 1.93 -3.14
CA VAL A 246 11.84 2.11 -3.19
C VAL A 246 12.22 3.16 -4.23
N VAL A 247 11.59 3.10 -5.40
CA VAL A 247 11.86 4.04 -6.48
C VAL A 247 11.44 5.46 -6.11
N GLN A 248 10.25 5.59 -5.52
CA GLN A 248 9.73 6.90 -5.12
C GLN A 248 10.62 7.54 -4.06
N PHE A 249 11.26 6.71 -3.24
CA PHE A 249 12.20 7.20 -2.24
C PHE A 249 13.43 7.83 -2.90
N LEU A 250 13.88 7.22 -4.00
CA LEU A 250 15.08 7.70 -4.69
C LEU A 250 14.78 8.93 -5.55
N GLU A 251 13.52 9.10 -5.92
CA GLU A 251 13.12 10.29 -6.67
C GLU A 251 13.03 11.50 -5.75
N LYS A 252 12.86 11.24 -4.46
CA LYS A 252 12.85 12.30 -3.45
C LYS A 252 14.29 12.69 -3.10
N ASP A 253 15.05 11.72 -2.62
CA ASP A 253 16.45 11.94 -2.25
C ASP A 253 17.35 10.93 -2.93
N SER A 254 18.12 11.39 -3.91
CA SER A 254 18.99 10.52 -4.69
C SER A 254 20.19 10.02 -3.88
N THR A 255 20.38 10.60 -2.70
CA THR A 255 21.49 10.24 -1.82
C THR A 255 21.35 8.82 -1.27
N LEU A 256 20.10 8.35 -1.21
CA LEU A 256 19.80 7.06 -0.58
C LEU A 256 20.01 5.86 -1.49
N THR A 257 20.45 6.10 -2.72
CA THR A 257 20.49 5.03 -3.72
C THR A 257 21.60 4.00 -3.48
N GLU A 258 22.70 4.42 -2.85
CA GLU A 258 23.82 3.50 -2.62
C GLU A 258 23.47 2.40 -1.61
N PRO A 259 22.92 2.76 -0.43
CA PRO A 259 22.56 1.66 0.47
C PRO A 259 21.39 0.83 -0.06
N VAL A 260 20.57 1.42 -0.91
CA VAL A 260 19.45 0.71 -1.50
C VAL A 260 19.92 -0.35 -2.48
N VAL A 261 20.77 0.04 -3.43
CA VAL A 261 21.26 -0.87 -4.45
C VAL A 261 22.12 -1.98 -3.83
N MET A 262 23.00 -1.60 -2.91
CA MET A 262 23.87 -2.58 -2.25
C MET A 262 23.07 -3.59 -1.44
N ALA A 263 22.01 -3.13 -0.78
CA ALA A 263 21.14 -4.03 -0.04
C ALA A 263 20.36 -4.93 -0.99
N LEU A 264 19.98 -4.37 -2.13
CA LEU A 264 19.25 -5.13 -3.15
C LEU A 264 20.14 -6.22 -3.72
N LEU A 265 21.44 -5.94 -3.79
CA LEU A 265 22.41 -6.92 -4.27
C LEU A 265 22.73 -7.94 -3.19
N LYS A 266 22.55 -7.55 -1.93
CA LYS A 266 22.74 -8.46 -0.82
C LYS A 266 21.61 -9.47 -0.75
N TYR A 267 20.38 -8.98 -0.89
CA TYR A 267 19.19 -9.82 -0.84
C TYR A 267 18.95 -10.54 -2.15
N TRP A 268 19.83 -10.31 -3.13
CA TRP A 268 19.74 -10.94 -4.43
C TRP A 268 19.81 -12.46 -4.31
N PRO A 269 18.89 -13.17 -4.99
CA PRO A 269 18.83 -14.64 -4.96
C PRO A 269 20.14 -15.30 -5.38
N LYS A 270 20.93 -15.74 -4.41
CA LYS A 270 22.17 -16.45 -4.69
C LYS A 270 21.88 -17.72 -5.47
N THR A 271 20.88 -18.47 -5.01
CA THR A 271 20.40 -19.62 -5.77
C THR A 271 19.70 -19.13 -7.03
N HIS A 272 20.24 -19.49 -8.19
CA HIS A 272 19.69 -19.05 -9.46
C HIS A 272 18.24 -19.47 -9.62
N SER A 273 17.34 -18.50 -9.44
CA SER A 273 15.90 -18.76 -9.46
C SER A 273 15.18 -17.74 -10.34
N PRO A 274 14.02 -18.13 -10.90
CA PRO A 274 13.17 -17.21 -11.66
C PRO A 274 12.72 -15.98 -10.86
N LYS A 275 13.01 -15.97 -9.57
CA LYS A 275 12.71 -14.81 -8.73
C LYS A 275 13.68 -13.67 -9.03
N GLU A 276 14.76 -13.98 -9.76
CA GLU A 276 15.73 -12.99 -10.17
C GLU A 276 15.13 -11.94 -11.11
N VAL A 277 14.12 -12.36 -11.87
CA VAL A 277 13.44 -11.47 -12.81
C VAL A 277 12.81 -10.28 -12.08
N MET A 278 12.28 -10.54 -10.89
CA MET A 278 11.70 -9.49 -10.07
C MET A 278 12.76 -8.48 -9.65
N PHE A 279 13.90 -8.97 -9.17
CA PHE A 279 15.00 -8.11 -8.80
C PHE A 279 15.53 -7.34 -10.00
N LEU A 280 15.57 -8.00 -11.15
CA LEU A 280 16.01 -7.36 -12.39
C LEU A 280 15.02 -6.26 -12.81
N ASN A 281 13.73 -6.53 -12.65
CA ASN A 281 12.71 -5.52 -12.93
C ASN A 281 12.85 -4.32 -12.03
N GLU A 282 13.02 -4.58 -10.73
CA GLU A 282 13.19 -3.51 -9.74
C GLU A 282 14.47 -2.71 -10.00
N LEU A 283 15.52 -3.41 -10.44
CA LEU A 283 16.81 -2.78 -10.63
C LEU A 283 16.82 -1.85 -11.83
N GLU A 284 16.09 -2.20 -12.88
CA GLU A 284 16.00 -1.36 -14.07
C GLU A 284 15.15 -0.12 -13.79
N GLU A 285 14.11 -0.31 -12.97
CA GLU A 285 13.24 0.80 -12.57
C GLU A 285 14.01 1.80 -11.71
N ILE A 286 14.98 1.29 -10.96
CA ILE A 286 15.85 2.14 -10.15
C ILE A 286 16.82 2.92 -11.05
N LEU A 287 17.35 2.23 -12.06
CA LEU A 287 18.30 2.84 -13.00
C LEU A 287 17.64 3.92 -13.86
N ASP A 288 16.33 3.84 -14.03
CA ASP A 288 15.60 4.81 -14.83
C ASP A 288 15.46 6.15 -14.12
N VAL A 289 15.73 6.16 -12.82
CA VAL A 289 15.61 7.38 -12.03
C VAL A 289 16.88 7.68 -11.23
N ILE A 290 17.99 7.11 -11.67
CA ILE A 290 19.25 7.26 -10.95
C ILE A 290 20.07 8.45 -11.51
N GLU A 291 20.84 9.07 -10.65
CA GLU A 291 21.72 10.17 -11.04
C GLU A 291 23.10 9.63 -11.43
N PRO A 292 23.73 10.26 -12.45
CA PRO A 292 25.05 9.85 -12.95
C PRO A 292 26.12 9.76 -11.85
N SER A 293 26.16 10.75 -10.97
CA SER A 293 27.12 10.75 -9.88
C SER A 293 26.84 9.61 -8.91
N GLU A 294 25.58 9.18 -8.86
CA GLU A 294 25.16 8.08 -8.01
C GLU A 294 25.32 6.75 -8.73
N PHE A 295 25.33 6.80 -10.05
CA PHE A 295 25.47 5.61 -10.87
C PHE A 295 26.87 5.01 -10.75
N VAL A 296 27.88 5.86 -10.74
CA VAL A 296 29.27 5.43 -10.68
C VAL A 296 29.64 4.86 -9.31
N LYS A 297 28.80 5.11 -8.33
CA LYS A 297 29.07 4.67 -6.96
C LYS A 297 28.77 3.19 -6.77
N ILE A 298 27.94 2.63 -7.64
CA ILE A 298 27.52 1.24 -7.49
C ILE A 298 27.48 0.49 -8.82
N MET A 299 28.03 1.08 -9.87
CA MET A 299 27.97 0.48 -11.21
C MET A 299 28.77 -0.82 -11.30
N GLU A 300 29.91 -0.86 -10.62
CA GLU A 300 30.77 -2.04 -10.68
C GLU A 300 30.14 -3.27 -10.01
N PRO A 301 29.68 -3.16 -8.73
CA PRO A 301 29.09 -4.37 -8.16
C PRO A 301 27.76 -4.74 -8.82
N LEU A 302 27.09 -3.77 -9.43
CA LEU A 302 25.83 -4.00 -10.11
C LEU A 302 26.05 -4.84 -11.36
N PHE A 303 26.92 -4.36 -12.25
CA PHE A 303 27.14 -5.02 -13.53
C PHE A 303 27.90 -6.34 -13.39
N ARG A 304 28.55 -6.55 -12.25
CA ARG A 304 29.13 -7.87 -11.96
C ARG A 304 28.01 -8.87 -11.73
N GLN A 305 26.95 -8.40 -11.07
CA GLN A 305 25.76 -9.22 -10.84
C GLN A 305 24.99 -9.39 -12.15
N LEU A 306 24.90 -8.31 -12.92
CA LEU A 306 24.20 -8.34 -14.21
C LEU A 306 24.91 -9.29 -15.16
N ALA A 307 26.24 -9.35 -15.08
CA ALA A 307 27.02 -10.25 -15.91
C ALA A 307 26.72 -11.71 -15.56
N LYS A 308 26.50 -11.97 -14.27
CA LYS A 308 26.15 -13.31 -13.82
C LYS A 308 24.78 -13.71 -14.35
N CYS A 309 23.89 -12.73 -14.48
CA CYS A 309 22.53 -12.97 -14.94
C CYS A 309 22.48 -13.29 -16.43
N VAL A 310 23.39 -12.70 -17.20
CA VAL A 310 23.48 -12.99 -18.63
C VAL A 310 24.06 -14.38 -18.84
N SER A 311 24.87 -14.83 -17.90
CA SER A 311 25.49 -16.15 -17.97
C SER A 311 24.65 -17.22 -17.27
N SER A 312 23.44 -16.84 -16.86
CA SER A 312 22.56 -17.73 -16.11
C SER A 312 22.14 -18.96 -16.89
N PRO A 313 22.00 -20.10 -16.20
CA PRO A 313 21.46 -21.32 -16.80
C PRO A 313 19.98 -21.16 -17.17
N HIS A 314 19.27 -20.34 -16.41
CA HIS A 314 17.86 -20.06 -16.68
C HIS A 314 17.74 -19.01 -17.78
N PHE A 315 17.10 -19.39 -18.88
CA PHE A 315 16.95 -18.50 -20.03
C PHE A 315 16.18 -17.23 -19.69
N GLN A 316 15.14 -17.37 -18.88
CA GLN A 316 14.29 -16.23 -18.51
C GLN A 316 15.08 -15.13 -17.80
N VAL A 317 16.01 -15.53 -16.94
CA VAL A 317 16.86 -14.59 -16.24
C VAL A 317 17.79 -13.87 -17.21
N ALA A 318 18.37 -14.63 -18.14
CA ALA A 318 19.28 -14.07 -19.13
C ALA A 318 18.54 -13.15 -20.10
N GLU A 319 17.34 -13.56 -20.50
CA GLU A 319 16.51 -12.76 -21.40
C GLU A 319 16.17 -11.41 -20.78
N ARG A 320 15.88 -11.41 -19.49
CA ARG A 320 15.51 -10.18 -18.78
C ARG A 320 16.72 -9.25 -18.62
N ALA A 321 17.87 -9.84 -18.31
CA ALA A 321 19.08 -9.06 -18.11
C ALA A 321 19.57 -8.45 -19.41
N LEU A 322 19.46 -9.20 -20.50
CA LEU A 322 19.88 -8.74 -21.82
C LEU A 322 19.02 -7.59 -22.32
N TYR A 323 17.82 -7.46 -21.77
CA TYR A 323 16.89 -6.41 -22.19
C TYR A 323 17.32 -5.05 -21.65
N TYR A 324 18.32 -5.04 -20.79
CA TYR A 324 18.86 -3.80 -20.24
C TYR A 324 19.47 -2.92 -21.32
N TRP A 325 20.03 -3.55 -22.35
CA TRP A 325 20.69 -2.82 -23.43
C TRP A 325 19.70 -2.01 -24.27
N ASN A 326 18.43 -2.36 -24.18
CA ASN A 326 17.38 -1.63 -24.90
C ASN A 326 17.04 -0.31 -24.23
N ASN A 327 17.30 -0.24 -22.92
CA ASN A 327 17.06 0.99 -22.15
C ASN A 327 18.05 2.07 -22.57
N GLU A 328 17.55 3.09 -23.26
CA GLU A 328 18.41 4.11 -23.85
C GLU A 328 19.14 4.95 -22.80
N TYR A 329 18.50 5.17 -21.66
CA TYR A 329 19.13 5.96 -20.60
C TYR A 329 20.27 5.20 -19.94
N ILE A 330 20.12 3.89 -19.84
CA ILE A 330 21.17 3.05 -19.26
C ILE A 330 22.39 3.02 -20.19
N MET A 331 22.12 2.98 -21.49
CA MET A 331 23.19 2.97 -22.49
C MET A 331 24.05 4.23 -22.40
N SER A 332 23.41 5.37 -22.15
CA SER A 332 24.13 6.63 -21.99
C SER A 332 24.99 6.60 -20.73
N LEU A 333 24.50 5.93 -19.70
CA LEU A 333 25.25 5.77 -18.45
C LEU A 333 26.42 4.82 -18.66
N ILE A 334 26.19 3.79 -19.48
CA ILE A 334 27.24 2.82 -19.80
C ILE A 334 28.30 3.45 -20.70
N SER A 335 27.86 4.19 -21.71
CA SER A 335 28.78 4.83 -22.64
C SER A 335 29.69 5.84 -21.94
N ASP A 336 29.16 6.50 -20.91
CA ASP A 336 29.94 7.45 -20.13
C ASP A 336 30.93 6.75 -19.20
N ASN A 337 30.71 5.46 -18.98
CA ASN A 337 31.57 4.68 -18.09
C ASN A 337 31.98 3.35 -18.71
N ALA A 338 32.14 3.34 -20.03
CA ALA A 338 32.45 2.11 -20.76
C ALA A 338 33.82 1.54 -20.39
N ALA A 339 34.70 2.40 -19.91
CA ALA A 339 36.05 1.99 -19.55
C ALA A 339 36.06 1.05 -18.35
N LYS A 340 35.01 1.13 -17.54
CA LYS A 340 34.91 0.31 -16.33
C LYS A 340 33.85 -0.79 -16.43
N ILE A 341 32.83 -0.54 -17.24
CA ILE A 341 31.69 -1.45 -17.32
C ILE A 341 31.87 -2.53 -18.39
N LEU A 342 32.32 -2.14 -19.57
CA LEU A 342 32.54 -3.08 -20.67
C LEU A 342 33.51 -4.23 -20.34
N PRO A 343 34.61 -3.95 -19.61
CA PRO A 343 35.44 -5.11 -19.23
C PRO A 343 34.73 -6.12 -18.34
N ILE A 344 33.71 -5.67 -17.61
CA ILE A 344 32.95 -6.54 -16.72
C ILE A 344 31.99 -7.43 -17.50
N MET A 345 31.24 -6.82 -18.42
CA MET A 345 30.25 -7.54 -19.20
C MET A 345 30.88 -8.45 -20.24
N PHE A 346 31.96 -7.99 -20.86
CA PHE A 346 32.66 -8.77 -21.88
C PHE A 346 34.15 -8.88 -21.59
N PRO A 347 34.52 -9.77 -20.66
CA PRO A 347 35.91 -9.94 -20.20
C PRO A 347 36.87 -10.39 -21.30
N SER A 348 36.39 -11.23 -22.21
CA SER A 348 37.26 -11.78 -23.26
C SER A 348 37.43 -10.80 -24.42
N LEU A 349 36.75 -9.67 -24.34
CA LEU A 349 36.81 -8.66 -25.39
C LEU A 349 37.49 -7.38 -24.93
N TYR A 350 37.37 -7.09 -23.63
CA TYR A 350 37.93 -5.87 -23.07
C TYR A 350 38.70 -6.15 -21.78
N ARG A 351 39.65 -5.27 -21.46
CA ARG A 351 40.39 -5.37 -20.20
C ARG A 351 40.57 -4.01 -19.55
N ASN A 352 41.20 -3.99 -18.39
CA ASN A 352 41.39 -2.76 -17.63
C ASN A 352 42.75 -2.13 -17.87
N PRO B 8 -6.16 2.97 -11.59
CA PRO B 8 -5.22 4.07 -11.32
C PRO B 8 -4.66 4.02 -9.90
N LEU B 9 -3.54 4.69 -9.67
CA LEU B 9 -2.91 4.72 -8.36
C LEU B 9 -3.64 5.66 -7.41
N LEU B 10 -3.32 5.56 -6.14
CA LEU B 10 -3.86 6.47 -5.13
C LEU B 10 -3.25 7.85 -5.30
N PRO B 12 -1.48 11.24 -4.47
CA PRO B 12 -0.42 11.58 -3.52
C PRO B 12 -0.93 12.35 -2.30
N ILE B 13 -0.37 12.05 -1.13
CA ILE B 13 -0.75 12.73 0.09
C ILE B 13 0.38 13.65 0.55
N PRO B 14 0.24 14.96 0.29
CA PRO B 14 1.25 15.97 0.65
C PRO B 14 1.55 16.00 2.14
N GLU B 15 2.83 15.82 2.49
CA GLU B 15 3.24 15.82 3.88
C GLU B 15 3.09 17.20 4.50
N LEU B 16 2.58 17.25 5.72
CA LEU B 16 2.36 18.50 6.43
C LEU B 16 2.98 18.42 7.83
N PRO B 17 3.31 19.57 8.43
CA PRO B 17 3.85 19.62 9.79
C PRO B 17 2.96 18.90 10.80
N GLU B 18 3.51 17.95 11.52
CA GLU B 18 2.75 17.15 12.48
C GLU B 18 3.13 17.48 13.91
#